data_6RUJ
#
_entry.id   6RUJ
#
_cell.length_a   86.401
_cell.length_b   86.401
_cell.length_c   147.263
_cell.angle_alpha   90.00
_cell.angle_beta   90.00
_cell.angle_gamma   90.00
#
_symmetry.space_group_name_H-M   'P 41 21 2'
#
loop_
_entity.id
_entity.type
_entity.pdbx_description
1 polymer 'Hypoxia-inducible factor 1-alpha inhibitor'
2 polymer 'CONSENSUS ANKYRIN REPEAT DOMAIN-(D)3-hydroxy-Leu'
3 non-polymer 'ZINC ION'
4 non-polymer N-OXALYLGLYCINE
5 non-polymer 'SULFATE ION'
6 water water
#
loop_
_entity_poly.entity_id
_entity_poly.type
_entity_poly.pdbx_seq_one_letter_code
_entity_poly.pdbx_strand_id
1 'polypeptide(L)'
;MAATAAEAVASGSGEPREEAGALGPAWDESQLRSYSFPTRPIPRLSQSDPRAEELIENEEPVVLTDTNLVYPALKWDLEY
LQENIGNGDFSVYSASTHKFLYYDEKKMANFQNFKPRSNREEMKFHEFVEKLQDIQQRGGEERLYLQQTLNDTVGRKIVM
DFLGFNWNWINKQQGKRGWGQLTSNLLLIGMEGNVTPAHYDEQQNFFAQIKGYKRCILFPPDQFECLYPYPVHHPCDRQS
QVDFDNPDYERFPNFQNVVGYETVVGPGDVLYIPMYWWHHIESLLNGGITITVNFWYKGAPTPKRIEYPLKAHQKVAIMR
NIEKMLGEALGNPQEVGPLLNTMIKGRYN
;
A
2 'polypeptide(L)' EVVKLLLEHGADV(KJW)A B
#
loop_
_chem_comp.id
_chem_comp.type
_chem_comp.name
_chem_comp.formula
OGA non-polymer N-OXALYLGLYCINE 'C4 H5 N O5'
SO4 non-polymer 'SULFATE ION' 'O4 S -2'
ZN non-polymer 'ZINC ION' 'Zn 2'
#
# COMPACT_ATOMS: atom_id res chain seq x y z
N MET A 1 26.73 -6.91 23.14
CA MET A 1 26.27 -5.50 22.97
C MET A 1 24.84 -5.52 22.47
N ALA A 2 24.00 -4.61 22.99
CA ALA A 2 22.65 -4.44 22.47
C ALA A 2 22.61 -3.78 21.08
N ALA A 3 23.60 -2.97 20.74
CA ALA A 3 23.75 -2.51 19.36
C ALA A 3 24.04 -3.67 18.43
N THR A 4 24.97 -4.56 18.85
CA THR A 4 25.28 -5.79 18.12
C THR A 4 24.01 -6.61 17.84
N ALA A 5 23.25 -6.94 18.89
CA ALA A 5 21.98 -7.66 18.71
C ALA A 5 21.04 -6.93 17.76
N ALA A 6 21.06 -5.59 17.80
CA ALA A 6 20.18 -4.80 16.94
C ALA A 6 20.65 -4.81 15.49
N GLU A 7 21.97 -4.72 15.25
CA GLU A 7 22.47 -4.62 13.87
C GLU A 7 22.09 -5.84 13.02
N ALA A 8 21.96 -7.05 13.62
CA ALA A 8 21.52 -8.25 12.91
C ALA A 8 20.02 -8.52 13.03
N VAL A 9 19.34 -7.96 14.05
CA VAL A 9 17.87 -8.01 14.09
C VAL A 9 17.22 -7.13 13.02
N ALA A 10 18.01 -6.26 12.37
CA ALA A 10 17.61 -5.60 11.12
C ALA A 10 17.88 -6.51 9.92
N SER A 11 17.33 -7.73 9.97
CA SER A 11 17.57 -8.72 8.92
C SER A 11 16.92 -8.37 7.58
N GLY A 12 16.19 -7.26 7.48
CA GLY A 12 15.52 -6.94 6.22
C GLY A 12 14.45 -7.95 5.89
N SER A 13 14.59 -8.66 4.75
CA SER A 13 13.64 -9.70 4.35
C SER A 13 14.26 -11.08 4.42
N GLY A 14 15.30 -11.25 5.23
CA GLY A 14 15.97 -12.53 5.37
C GLY A 14 16.72 -12.91 4.11
N GLU A 15 17.41 -14.04 4.20
CA GLU A 15 18.08 -14.60 3.03
C GLU A 15 17.02 -15.02 2.00
N PRO A 16 17.16 -14.64 0.73
CA PRO A 16 16.17 -15.02 -0.28
C PRO A 16 15.86 -16.52 -0.24
N ARG A 17 14.58 -16.85 -0.17
CA ARG A 17 14.18 -18.25 -0.09
C ARG A 17 14.40 -18.97 -1.43
N GLU A 18 14.76 -20.26 -1.34
CA GLU A 18 15.01 -21.09 -2.52
C GLU A 18 13.71 -21.71 -3.05
N GLU A 19 13.47 -21.57 -4.35
CA GLU A 19 12.26 -22.16 -4.95
C GLU A 19 12.35 -23.70 -4.97
N ALA A 20 11.18 -24.34 -4.92
CA ALA A 20 11.05 -25.80 -4.91
C ALA A 20 11.67 -26.39 -6.16
N GLY A 21 12.14 -27.64 -6.04
CA GLY A 21 12.84 -28.23 -7.16
C GLY A 21 14.24 -27.69 -7.39
N ALA A 22 14.84 -27.03 -6.39
CA ALA A 22 16.23 -26.58 -6.42
C ALA A 22 16.46 -25.48 -7.46
N LEU A 23 15.44 -24.68 -7.75
CA LEU A 23 15.51 -23.65 -8.79
C LEU A 23 16.26 -22.41 -8.34
N GLY A 24 17.15 -22.52 -7.37
CA GLY A 24 18.05 -21.45 -7.06
C GLY A 24 17.28 -20.31 -6.44
N PRO A 25 17.97 -19.24 -6.04
CA PRO A 25 17.27 -18.13 -5.39
C PRO A 25 16.32 -17.48 -6.37
N ALA A 26 15.11 -17.20 -5.91
CA ALA A 26 14.18 -16.51 -6.78
C ALA A 26 14.61 -15.06 -7.00
N TRP A 27 15.18 -14.43 -5.98
CA TRP A 27 15.77 -13.10 -6.11
C TRP A 27 17.03 -13.08 -5.28
N ASP A 28 17.80 -12.01 -5.42
CA ASP A 28 18.98 -11.82 -4.58
C ASP A 28 19.00 -10.38 -4.13
N GLU A 29 19.71 -10.15 -3.03
CA GLU A 29 19.60 -8.86 -2.37
C GLU A 29 19.88 -7.71 -3.34
N SER A 30 20.66 -7.94 -4.39
CA SER A 30 21.01 -6.86 -5.28
C SER A 30 19.82 -6.23 -5.99
N GLN A 31 18.63 -6.87 -5.98
CA GLN A 31 17.49 -6.31 -6.70
C GLN A 31 16.64 -5.39 -5.85
N LEU A 32 17.07 -5.08 -4.63
CA LEU A 32 16.38 -4.21 -3.70
C LEU A 32 17.02 -2.83 -3.73
N ARG A 33 16.20 -1.79 -3.67
CA ARG A 33 16.76 -0.46 -3.67
C ARG A 33 17.40 -0.17 -2.31
N SER A 34 18.31 0.79 -2.31
CA SER A 34 19.07 1.13 -1.11
C SER A 34 18.38 2.28 -0.36
N TYR A 35 18.11 2.07 0.93
CA TYR A 35 17.48 3.10 1.76
C TYR A 35 18.23 3.32 3.07
N SER A 36 17.89 4.40 3.77
CA SER A 36 18.69 4.84 4.90
C SER A 36 18.20 4.31 6.23
N PHE A 37 17.13 3.57 6.27
CA PHE A 37 16.62 3.20 7.58
C PHE A 37 16.78 1.70 7.80
N PRO A 38 16.89 1.27 9.04
CA PRO A 38 16.83 -0.17 9.34
C PRO A 38 15.41 -0.71 9.19
N THR A 39 15.33 -2.02 8.94
CA THR A 39 14.04 -2.71 8.93
C THR A 39 14.17 -4.05 9.62
N ARG A 40 13.07 -4.55 10.14
CA ARG A 40 12.99 -5.91 10.60
C ARG A 40 12.09 -6.73 9.67
N PRO A 41 12.22 -8.02 9.70
CA PRO A 41 11.46 -8.85 8.77
C PRO A 41 10.08 -9.14 9.28
N ILE A 42 9.07 -8.84 8.46
CA ILE A 42 7.71 -9.36 8.71
C ILE A 42 7.77 -10.88 8.71
N PRO A 43 7.14 -11.53 9.67
CA PRO A 43 7.17 -13.00 9.68
C PRO A 43 6.37 -13.62 8.53
N ARG A 44 6.86 -14.75 8.03
CA ARG A 44 6.18 -15.52 6.99
C ARG A 44 5.68 -16.79 7.65
N LEU A 45 4.37 -16.95 7.70
CA LEU A 45 3.78 -18.04 8.46
C LEU A 45 2.78 -18.82 7.60
N SER A 46 2.42 -19.99 8.13
CA SER A 46 1.27 -20.73 7.63
C SER A 46 -0.02 -20.18 8.23
N GLN A 47 -1.06 -20.19 7.38
CA GLN A 47 -2.39 -19.72 7.74
C GLN A 47 -2.98 -20.54 8.85
N SER A 48 -2.53 -21.75 9.04
CA SER A 48 -2.95 -22.55 10.17
C SER A 48 -2.08 -22.32 11.38
N ASP A 49 -1.04 -21.49 11.25
CA ASP A 49 -0.18 -21.21 12.39
C ASP A 49 -0.90 -20.23 13.30
N PRO A 50 -1.13 -20.58 14.56
CA PRO A 50 -1.88 -19.66 15.44
C PRO A 50 -1.20 -18.30 15.58
N ARG A 51 0.12 -18.26 15.55
CA ARG A 51 0.82 -16.98 15.64
C ARG A 51 0.32 -16.04 14.56
N ALA A 52 0.10 -16.57 13.35
CA ALA A 52 -0.41 -15.73 12.27
C ALA A 52 -1.81 -15.21 12.59
N GLU A 53 -2.62 -16.02 13.26
CA GLU A 53 -3.93 -15.54 13.68
C GLU A 53 -3.77 -14.47 14.74
N GLU A 54 -2.80 -14.67 15.64
CA GLU A 54 -2.56 -13.69 16.68
C GLU A 54 -2.13 -12.35 16.07
N LEU A 55 -1.33 -12.38 15.00
CA LEU A 55 -0.91 -11.13 14.40
C LEU A 55 -2.06 -10.41 13.72
N ILE A 56 -2.87 -11.13 12.97
CA ILE A 56 -4.00 -10.49 12.32
C ILE A 56 -4.95 -9.92 13.35
N GLU A 57 -5.26 -10.68 14.41
CA GLU A 57 -6.18 -10.16 15.39
C GLU A 57 -5.68 -8.85 15.98
N ASN A 58 -4.36 -8.77 16.25
CA ASN A 58 -3.69 -7.59 16.79
C ASN A 58 -3.38 -6.56 15.77
N GLU A 59 -3.92 -6.68 14.57
CA GLU A 59 -3.65 -5.70 13.51
C GLU A 59 -2.15 -5.47 13.28
N GLU A 60 -1.37 -6.56 13.25
CA GLU A 60 0.04 -6.52 12.83
C GLU A 60 0.29 -7.25 11.52
N PRO A 61 1.25 -6.79 10.72
CA PRO A 61 1.48 -7.42 9.41
C PRO A 61 2.00 -8.84 9.51
N VAL A 62 1.59 -9.66 8.55
CA VAL A 62 2.07 -11.05 8.45
C VAL A 62 1.97 -11.44 7.01
N VAL A 63 2.89 -12.31 6.59
CA VAL A 63 2.86 -12.85 5.25
C VAL A 63 2.36 -14.28 5.38
N LEU A 64 1.19 -14.56 4.82
CA LEU A 64 0.63 -15.92 4.82
C LEU A 64 1.05 -16.62 3.53
N THR A 65 1.68 -17.77 3.69
CA THR A 65 2.33 -18.46 2.59
C THR A 65 1.42 -19.45 1.84
N ASP A 66 0.29 -19.84 2.41
CA ASP A 66 -0.43 -21.02 1.97
C ASP A 66 -1.94 -20.81 2.05
N THR A 67 -2.43 -19.62 1.73
CA THR A 67 -3.87 -19.42 1.77
C THR A 67 -4.56 -19.99 0.54
N ASN A 68 -3.89 -20.06 -0.59
CA ASN A 68 -4.57 -20.31 -1.84
C ASN A 68 -5.58 -19.22 -2.14
N LEU A 69 -5.44 -18.05 -1.52
CA LEU A 69 -6.46 -17.03 -1.69
C LEU A 69 -6.79 -16.81 -3.17
N VAL A 70 -5.75 -16.70 -4.00
CA VAL A 70 -5.91 -16.40 -5.44
C VAL A 70 -5.25 -17.50 -6.24
N TYR A 71 -5.29 -18.70 -5.72
CA TYR A 71 -4.72 -19.83 -6.44
C TYR A 71 -5.07 -19.88 -7.92
N PRO A 72 -6.33 -19.73 -8.34
CA PRO A 72 -6.61 -19.78 -9.79
C PRO A 72 -5.94 -18.66 -10.59
N ALA A 73 -5.58 -17.56 -9.93
CA ALA A 73 -4.98 -16.40 -10.60
C ALA A 73 -3.47 -16.56 -10.83
N LEU A 74 -2.88 -17.62 -10.32
CA LEU A 74 -1.45 -17.76 -10.46
C LEU A 74 -1.06 -18.07 -11.89
N LYS A 75 -1.98 -18.58 -12.69
CA LYS A 75 -1.71 -18.73 -14.12
C LYS A 75 -1.79 -17.40 -14.84
N TRP A 76 -2.12 -16.32 -14.17
CA TRP A 76 -2.25 -15.07 -14.88
C TRP A 76 -0.90 -14.61 -15.40
N ASP A 77 -0.94 -14.08 -16.61
CA ASP A 77 0.13 -13.28 -17.18
C ASP A 77 -0.52 -12.39 -18.23
N LEU A 78 0.28 -11.57 -18.89
CA LEU A 78 -0.28 -10.59 -19.80
C LEU A 78 -1.08 -11.25 -20.90
N GLU A 79 -0.53 -12.31 -21.50
CA GLU A 79 -1.24 -12.94 -22.61
C GLU A 79 -2.61 -13.45 -22.16
N TYR A 80 -2.64 -14.24 -21.10
CA TYR A 80 -3.91 -14.74 -20.59
C TYR A 80 -4.88 -13.59 -20.30
N LEU A 81 -4.41 -12.57 -19.59
CA LEU A 81 -5.33 -11.50 -19.19
C LEU A 81 -5.90 -10.81 -20.42
N GLN A 82 -5.04 -10.48 -21.38
CA GLN A 82 -5.50 -9.79 -22.57
C GLN A 82 -6.54 -10.62 -23.33
N GLU A 83 -6.44 -11.95 -23.32
CA GLU A 83 -7.44 -12.76 -24.02
C GLU A 83 -8.76 -12.82 -23.24
N ASN A 84 -8.77 -12.60 -21.91
CA ASN A 84 -9.98 -12.84 -21.13
C ASN A 84 -10.41 -11.72 -20.20
N ILE A 85 -9.66 -10.62 -20.10
CA ILE A 85 -10.05 -9.62 -19.13
C ILE A 85 -11.16 -8.72 -19.66
N GLY A 86 -11.52 -8.87 -20.92
CA GLY A 86 -12.62 -8.13 -21.46
C GLY A 86 -12.20 -6.78 -22.00
N ASN A 87 -13.17 -6.09 -22.61
CA ASN A 87 -12.91 -4.86 -23.35
C ASN A 87 -13.25 -3.61 -22.55
N GLY A 88 -13.32 -3.72 -21.23
CA GLY A 88 -13.47 -2.54 -20.42
C GLY A 88 -12.19 -1.71 -20.43
N ASP A 89 -12.35 -0.44 -20.04
CA ASP A 89 -11.21 0.46 -19.88
C ASP A 89 -10.47 0.12 -18.60
N PHE A 90 -9.16 0.36 -18.63
CA PHE A 90 -8.28 0.21 -17.48
C PHE A 90 -7.52 1.51 -17.23
N SER A 91 -7.47 1.92 -15.96
CA SER A 91 -6.70 3.10 -15.56
C SER A 91 -5.22 2.76 -15.49
N VAL A 92 -4.40 3.53 -16.19
CA VAL A 92 -2.95 3.30 -16.26
C VAL A 92 -2.24 4.61 -15.99
N TYR A 93 -1.27 4.58 -15.08
CA TYR A 93 -0.51 5.77 -14.71
C TYR A 93 0.86 5.72 -15.37
N SER A 94 1.28 6.88 -15.88
CA SER A 94 2.54 7.01 -16.59
C SER A 94 3.47 7.90 -15.79
N ALA A 95 4.75 7.52 -15.71
CA ALA A 95 5.71 8.32 -14.95
C ALA A 95 7.04 8.42 -15.67
N SER A 96 7.66 9.59 -15.54
CA SER A 96 9.04 9.76 -16.01
C SER A 96 10.02 9.03 -15.12
N THR A 97 9.74 8.93 -13.83
CA THR A 97 10.63 8.31 -12.86
C THR A 97 10.05 7.00 -12.34
N HIS A 98 10.76 6.40 -11.37
CA HIS A 98 10.36 5.11 -10.80
C HIS A 98 9.45 5.24 -9.59
N LYS A 99 9.34 6.43 -8.99
CA LYS A 99 8.36 6.67 -7.95
C LYS A 99 7.08 7.13 -8.62
N PHE A 100 6.03 6.35 -8.48
CA PHE A 100 4.70 6.80 -8.86
C PHE A 100 4.10 7.48 -7.63
N LEU A 101 4.05 8.79 -7.62
CA LEU A 101 3.24 9.46 -6.63
C LEU A 101 1.85 9.63 -7.23
N TYR A 102 0.84 9.28 -6.46
CA TYR A 102 -0.53 9.41 -6.93
C TYR A 102 -1.16 10.72 -6.44
N TYR A 103 -2.36 11.01 -6.93
CA TYR A 103 -3.07 12.21 -6.55
C TYR A 103 -4.57 11.98 -6.54
N ASP A 104 -5.20 12.60 -5.57
CA ASP A 104 -6.64 12.68 -5.55
C ASP A 104 -7.02 13.81 -6.48
N GLU A 105 -7.56 13.45 -7.62
CA GLU A 105 -7.80 14.44 -8.64
C GLU A 105 -8.76 15.52 -8.13
N LYS A 106 -9.80 15.12 -7.39
CA LYS A 106 -10.75 16.09 -6.86
C LYS A 106 -10.03 17.20 -6.09
N LYS A 107 -9.02 16.83 -5.29
CA LYS A 107 -8.31 17.84 -4.53
C LYS A 107 -7.41 18.69 -5.42
N MET A 108 -7.30 18.39 -6.72
CA MET A 108 -6.40 19.15 -7.59
C MET A 108 -6.71 20.65 -7.60
N ALA A 109 -7.89 21.06 -7.13
CA ALA A 109 -8.28 22.46 -7.26
C ALA A 109 -7.62 23.35 -6.22
N ASN A 110 -7.87 23.10 -4.93
CA ASN A 110 -7.51 24.08 -3.90
C ASN A 110 -6.04 24.47 -3.98
N PHE A 111 -5.16 23.50 -4.15
CA PHE A 111 -3.74 23.80 -4.37
C PHE A 111 -3.52 23.94 -5.86
N GLN A 112 -3.24 25.17 -6.32
CA GLN A 112 -2.96 25.38 -7.73
C GLN A 112 -1.55 24.91 -8.10
N ASN A 113 -0.57 25.14 -7.22
CA ASN A 113 0.85 25.03 -7.54
C ASN A 113 1.43 23.63 -7.44
N PHE A 114 0.64 22.64 -7.07
CA PHE A 114 1.10 21.28 -7.28
C PHE A 114 1.06 20.97 -8.77
N LYS A 115 2.13 20.35 -9.26
CA LYS A 115 2.19 19.90 -10.65
C LYS A 115 2.33 18.38 -10.62
N PRO A 116 1.43 17.65 -11.27
CA PRO A 116 1.53 16.18 -11.29
C PRO A 116 2.90 15.67 -11.74
N ARG A 117 3.37 14.62 -11.08
CA ARG A 117 4.57 13.88 -11.44
C ARG A 117 4.30 12.67 -12.34
N SER A 118 3.10 12.09 -12.27
CA SER A 118 2.69 10.98 -13.13
C SER A 118 1.24 11.16 -13.57
N ASN A 119 1.01 11.08 -14.88
CA ASN A 119 -0.32 11.25 -15.45
C ASN A 119 -1.00 9.91 -15.63
N ARG A 120 -2.33 9.97 -15.67
CA ARG A 120 -3.18 8.80 -15.82
C ARG A 120 -3.82 8.81 -17.18
N GLU A 121 -3.86 7.64 -17.83
CA GLU A 121 -4.54 7.50 -19.11
C GLU A 121 -5.42 6.26 -19.10
N GLU A 122 -6.68 6.42 -19.51
CA GLU A 122 -7.60 5.30 -19.70
C GLU A 122 -7.31 4.60 -21.01
N MET A 123 -7.27 3.27 -20.97
CA MET A 123 -7.04 2.51 -22.20
C MET A 123 -7.58 1.09 -22.05
N LYS A 124 -7.85 0.48 -23.19
CA LYS A 124 -8.21 -0.93 -23.23
C LYS A 124 -6.98 -1.78 -22.95
N PHE A 125 -7.21 -2.92 -22.28
CA PHE A 125 -6.09 -3.74 -21.83
C PHE A 125 -5.10 -3.99 -22.95
N HIS A 126 -5.60 -4.34 -24.13
CA HIS A 126 -4.69 -4.69 -25.21
C HIS A 126 -3.78 -3.53 -25.56
N GLU A 127 -4.27 -2.29 -25.45
CA GLU A 127 -3.42 -1.13 -25.70
C GLU A 127 -2.32 -1.00 -24.65
N PHE A 128 -2.66 -1.29 -23.41
CA PHE A 128 -1.67 -1.22 -22.35
C PHE A 128 -0.55 -2.19 -22.62
N VAL A 129 -0.90 -3.42 -22.96
CA VAL A 129 0.08 -4.44 -23.26
C VAL A 129 0.98 -4.00 -24.42
N GLU A 130 0.35 -3.56 -25.51
CA GLU A 130 1.13 -3.09 -26.64
C GLU A 130 2.02 -1.93 -26.22
N LYS A 131 1.50 -1.04 -25.39
CA LYS A 131 2.28 0.11 -24.96
C LYS A 131 3.48 -0.34 -24.15
N LEU A 132 3.32 -1.39 -23.34
CA LEU A 132 4.48 -1.97 -22.68
C LEU A 132 5.48 -2.48 -23.68
N GLN A 133 5.04 -3.37 -24.57
CA GLN A 133 5.93 -3.94 -25.57
C GLN A 133 6.67 -2.84 -26.29
N ASP A 134 5.95 -1.79 -26.71
CA ASP A 134 6.59 -0.69 -27.39
C ASP A 134 7.78 -0.19 -26.57
N ILE A 135 7.50 0.33 -25.36
CA ILE A 135 8.56 0.85 -24.49
C ILE A 135 9.70 -0.17 -24.40
N GLN A 136 9.35 -1.42 -24.12
CA GLN A 136 10.35 -2.46 -24.12
C GLN A 136 11.12 -2.45 -25.44
N GLN A 137 10.39 -2.55 -26.57
CA GLN A 137 11.08 -2.64 -27.86
C GLN A 137 12.06 -1.50 -28.02
N ARG A 138 11.61 -0.28 -27.83
CA ARG A 138 12.43 0.88 -28.12
C ARG A 138 13.38 1.24 -26.98
N GLY A 139 13.62 0.35 -26.03
CA GLY A 139 14.52 0.65 -24.93
C GLY A 139 14.23 1.96 -24.22
N GLY A 140 13.00 2.43 -24.29
CA GLY A 140 12.64 3.68 -23.65
C GLY A 140 12.77 3.61 -22.16
N GLU A 141 12.76 4.78 -21.54
CA GLU A 141 12.85 4.90 -20.09
C GLU A 141 11.49 5.20 -19.43
N GLU A 142 10.43 5.29 -20.22
CA GLU A 142 9.11 5.55 -19.67
C GLU A 142 8.67 4.40 -18.78
N ARG A 143 7.74 4.70 -17.88
CA ARG A 143 7.23 3.74 -16.92
C ARG A 143 5.71 3.83 -16.82
N LEU A 144 5.09 2.66 -16.81
CA LEU A 144 3.65 2.49 -16.74
C LEU A 144 3.30 1.56 -15.60
N TYR A 145 2.17 1.82 -14.97
CA TYR A 145 1.70 1.00 -13.86
C TYR A 145 0.20 0.92 -14.00
N LEU A 146 -0.33 -0.26 -14.22
CA LEU A 146 -1.76 -0.38 -14.36
C LEU A 146 -2.38 -0.72 -13.00
N GLN A 147 -3.45 -0.03 -12.68
CA GLN A 147 -4.14 -0.21 -11.41
C GLN A 147 -5.61 0.00 -11.70
N GLN A 148 -6.38 -1.06 -11.61
CA GLN A 148 -7.78 -0.96 -11.98
C GLN A 148 -8.60 -1.86 -11.09
N THR A 149 -9.68 -1.31 -10.54
CA THR A 149 -10.65 -2.11 -9.83
C THR A 149 -11.25 -3.11 -10.77
N LEU A 150 -11.19 -4.38 -10.40
CA LEU A 150 -11.84 -5.40 -11.21
C LEU A 150 -13.34 -5.20 -11.16
N ASN A 151 -13.98 -5.13 -12.34
CA ASN A 151 -15.38 -4.69 -12.51
C ASN A 151 -16.18 -5.71 -13.35
N ASP A 152 -17.47 -5.40 -13.59
CA ASP A 152 -18.41 -6.35 -14.24
C ASP A 152 -17.88 -6.86 -15.56
N THR A 153 -17.23 -5.98 -16.32
CA THR A 153 -16.86 -6.21 -17.71
C THR A 153 -15.93 -7.40 -17.92
N VAL A 154 -15.28 -7.89 -16.88
CA VAL A 154 -14.20 -8.86 -17.11
C VAL A 154 -14.78 -10.08 -17.78
N GLY A 155 -13.96 -10.75 -18.60
CA GLY A 155 -14.45 -11.80 -19.44
C GLY A 155 -14.90 -13.01 -18.64
N ARG A 156 -15.43 -14.00 -19.37
CA ARG A 156 -15.93 -15.23 -18.75
C ARG A 156 -14.87 -15.89 -17.88
N LYS A 157 -13.70 -16.18 -18.43
CA LYS A 157 -12.77 -16.98 -17.68
C LYS A 157 -12.23 -16.23 -16.46
N ILE A 158 -12.15 -14.90 -16.48
CA ILE A 158 -11.64 -14.19 -15.31
C ILE A 158 -12.65 -14.28 -14.16
N VAL A 159 -13.93 -14.29 -14.47
CA VAL A 159 -14.95 -14.53 -13.44
C VAL A 159 -14.80 -15.94 -12.87
N MET A 160 -14.60 -16.95 -13.72
CA MET A 160 -14.41 -18.31 -13.22
C MET A 160 -13.24 -18.37 -12.25
N ASP A 161 -12.12 -17.77 -12.62
CA ASP A 161 -10.98 -17.69 -11.70
C ASP A 161 -11.39 -17.04 -10.39
N PHE A 162 -12.06 -15.91 -10.48
CA PHE A 162 -12.51 -15.18 -9.30
C PHE A 162 -13.30 -16.08 -8.36
N LEU A 163 -14.26 -16.84 -8.88
CA LEU A 163 -15.04 -17.73 -8.03
C LEU A 163 -14.15 -18.75 -7.34
N GLY A 164 -13.07 -19.19 -8.00
CA GLY A 164 -12.10 -20.09 -7.42
C GLY A 164 -11.18 -19.49 -6.34
N PHE A 165 -11.31 -18.20 -6.00
CA PHE A 165 -10.56 -17.64 -4.88
C PHE A 165 -11.00 -18.33 -3.60
N ASN A 166 -10.14 -18.33 -2.60
CA ASN A 166 -10.49 -19.00 -1.34
C ASN A 166 -11.37 -18.07 -0.48
N TRP A 167 -12.64 -17.97 -0.90
CA TRP A 167 -13.57 -17.12 -0.19
C TRP A 167 -13.84 -17.64 1.22
N ASN A 168 -13.87 -18.96 1.40
CA ASN A 168 -13.99 -19.52 2.74
C ASN A 168 -12.97 -18.94 3.70
N TRP A 169 -11.70 -18.87 3.29
CA TRP A 169 -10.69 -18.43 4.23
C TRP A 169 -10.88 -16.95 4.55
N ILE A 170 -11.00 -16.13 3.51
CA ILE A 170 -11.00 -14.70 3.73
C ILE A 170 -12.35 -14.27 4.30
N ASN A 171 -13.45 -14.93 3.88
CA ASN A 171 -14.75 -14.70 4.50
C ASN A 171 -14.66 -14.90 6.01
N LYS A 172 -14.15 -16.06 6.46
CA LYS A 172 -13.98 -16.25 7.90
C LYS A 172 -13.12 -15.12 8.49
N GLN A 173 -12.06 -14.70 7.80
CA GLN A 173 -11.22 -13.67 8.37
C GLN A 173 -12.02 -12.39 8.57
N GLN A 174 -12.84 -12.04 7.58
CA GLN A 174 -13.70 -10.87 7.69
C GLN A 174 -14.61 -10.98 8.91
N GLY A 175 -15.21 -12.14 9.10
CA GLY A 175 -16.04 -12.38 10.27
C GLY A 175 -15.23 -12.23 11.53
N LYS A 176 -14.20 -13.06 11.68
CA LYS A 176 -13.42 -13.11 12.90
C LYS A 176 -12.92 -11.73 13.36
N ARG A 177 -12.68 -10.80 12.43
CA ARG A 177 -12.17 -9.48 12.76
C ARG A 177 -13.26 -8.40 12.78
N GLY A 178 -14.52 -8.79 12.67
CA GLY A 178 -15.57 -7.81 12.61
C GLY A 178 -15.45 -6.80 11.51
N TRP A 179 -14.73 -7.08 10.45
CA TRP A 179 -14.52 -6.06 9.45
C TRP A 179 -15.81 -5.70 8.72
N GLY A 180 -15.75 -4.57 8.02
CA GLY A 180 -16.82 -4.14 7.15
C GLY A 180 -16.87 -4.96 5.90
N GLN A 181 -17.60 -4.45 4.90
CA GLN A 181 -17.75 -5.15 3.63
C GLN A 181 -16.46 -5.09 2.83
N LEU A 182 -16.34 -5.99 1.88
CA LEU A 182 -15.27 -5.90 0.89
C LEU A 182 -15.66 -4.81 -0.09
N THR A 183 -14.83 -3.79 -0.22
CA THR A 183 -15.16 -2.69 -1.12
C THR A 183 -14.62 -2.92 -2.52
N SER A 184 -13.48 -3.58 -2.67
CA SER A 184 -12.94 -3.72 -4.01
C SER A 184 -11.78 -4.72 -4.04
N ASN A 185 -11.43 -5.10 -5.26
CA ASN A 185 -10.23 -5.87 -5.57
C ASN A 185 -9.50 -5.03 -6.59
N LEU A 186 -8.34 -4.53 -6.21
CA LEU A 186 -7.54 -3.70 -7.11
C LEU A 186 -6.49 -4.56 -7.79
N LEU A 187 -6.48 -4.53 -9.11
CA LEU A 187 -5.50 -5.25 -9.89
C LEU A 187 -4.35 -4.31 -10.17
N LEU A 188 -3.13 -4.76 -9.91
CA LEU A 188 -1.95 -3.92 -10.10
C LEU A 188 -0.97 -4.68 -10.93
N ILE A 189 -0.57 -4.11 -12.05
CA ILE A 189 0.44 -4.75 -12.88
C ILE A 189 1.53 -3.72 -13.09
N GLY A 190 2.73 -4.05 -12.64
CA GLY A 190 3.82 -3.08 -12.54
C GLY A 190 5.00 -3.45 -13.40
N MET A 191 5.69 -2.43 -13.89
CA MET A 191 6.98 -2.65 -14.48
C MET A 191 8.01 -2.89 -13.39
N GLU A 192 8.96 -3.75 -13.68
CA GLU A 192 10.10 -3.97 -12.80
C GLU A 192 10.71 -2.62 -12.39
N GLY A 193 11.08 -2.50 -11.12
CA GLY A 193 11.64 -1.28 -10.57
C GLY A 193 10.61 -0.26 -10.06
N ASN A 194 9.35 -0.43 -10.44
CA ASN A 194 8.29 0.50 -10.04
C ASN A 194 8.22 0.61 -8.54
N VAL A 195 8.06 1.83 -8.05
CA VAL A 195 7.93 2.11 -6.62
C VAL A 195 6.60 2.80 -6.37
N THR A 196 5.83 2.27 -5.43
CA THR A 196 4.73 3.03 -4.85
C THR A 196 5.20 3.67 -3.54
N PRO A 197 5.25 4.99 -3.42
CA PRO A 197 5.84 5.59 -2.21
C PRO A 197 5.01 5.31 -0.96
N ALA A 198 5.68 5.41 0.17
CA ALA A 198 5.06 5.22 1.48
C ALA A 198 3.76 6.00 1.59
N HIS A 199 2.71 5.30 2.02
CA HIS A 199 1.37 5.80 2.20
C HIS A 199 0.65 4.84 3.13
N TYR A 200 -0.49 5.27 3.67
CA TYR A 200 -1.34 4.37 4.43
C TYR A 200 -2.74 4.43 3.82
N ASP A 201 -3.54 3.39 4.12
CA ASP A 201 -4.87 3.26 3.58
C ASP A 201 -5.87 3.21 4.70
N GLU A 202 -7.07 3.70 4.41
CA GLU A 202 -8.15 3.67 5.38
C GLU A 202 -9.01 2.42 5.26
N GLN A 203 -8.41 1.29 4.89
CA GLN A 203 -9.09 0.02 4.87
C GLN A 203 -8.06 -1.07 5.17
N GLN A 204 -8.54 -2.18 5.74
CA GLN A 204 -7.77 -3.41 5.88
C GLN A 204 -7.51 -4.05 4.52
N ASN A 205 -6.32 -4.65 4.34
CA ASN A 205 -5.84 -5.07 3.03
C ASN A 205 -5.18 -6.43 3.13
N PHE A 206 -5.72 -7.41 2.40
CA PHE A 206 -5.02 -8.64 2.10
C PHE A 206 -4.49 -8.55 0.70
N PHE A 207 -3.17 -8.59 0.59
CA PHE A 207 -2.40 -8.17 -0.58
C PHE A 207 -1.87 -9.47 -1.23
N ALA A 208 -2.52 -9.91 -2.31
CA ALA A 208 -2.32 -11.25 -2.85
C ALA A 208 -1.44 -11.19 -4.09
N GLN A 209 -0.21 -11.63 -3.93
CA GLN A 209 0.79 -11.51 -4.96
C GLN A 209 0.63 -12.63 -5.97
N ILE A 210 0.72 -12.29 -7.26
CA ILE A 210 0.38 -13.21 -8.34
C ILE A 210 1.57 -13.50 -9.24
N LYS A 211 2.19 -12.47 -9.79
CA LYS A 211 3.33 -12.64 -10.66
C LYS A 211 4.45 -11.70 -10.24
N GLY A 212 5.68 -12.20 -10.28
CA GLY A 212 6.82 -11.39 -9.93
C GLY A 212 6.96 -11.16 -8.42
N TYR A 213 7.85 -10.25 -8.09
CA TYR A 213 8.20 -10.09 -6.68
C TYR A 213 8.18 -8.63 -6.29
N LYS A 214 7.52 -8.37 -5.17
CA LYS A 214 7.37 -7.04 -4.62
C LYS A 214 7.96 -6.98 -3.22
N ARG A 215 8.84 -6.00 -3.03
CA ARG A 215 9.38 -5.68 -1.72
C ARG A 215 8.45 -4.69 -1.04
N CYS A 216 7.99 -5.07 0.13
CA CYS A 216 7.01 -4.30 0.90
C CYS A 216 7.66 -3.83 2.20
N ILE A 217 7.74 -2.51 2.41
CA ILE A 217 8.26 -1.92 3.65
C ILE A 217 7.10 -1.28 4.40
N LEU A 218 6.85 -1.75 5.61
CA LEU A 218 5.73 -1.26 6.40
C LEU A 218 6.22 -0.48 7.63
N PHE A 219 5.45 0.54 8.04
CA PHE A 219 5.73 1.22 9.30
C PHE A 219 4.46 1.33 10.14
N PRO A 220 4.55 1.11 11.44
CA PRO A 220 3.36 1.13 12.28
C PRO A 220 2.74 2.53 12.33
N PRO A 221 1.44 2.61 12.60
CA PRO A 221 0.80 3.93 12.70
C PRO A 221 1.45 4.83 13.73
N ASP A 222 2.12 4.27 14.74
CA ASP A 222 2.77 5.10 15.74
C ASP A 222 4.01 5.82 15.22
N GLN A 223 4.42 5.64 13.96
CA GLN A 223 5.52 6.41 13.40
C GLN A 223 5.01 7.49 12.48
N PHE A 224 3.77 7.88 12.66
CA PHE A 224 3.27 9.11 12.04
C PHE A 224 4.26 10.27 12.19
N GLU A 225 4.82 10.46 13.40
CA GLU A 225 5.77 11.52 13.70
C GLU A 225 6.94 11.55 12.72
N CYS A 226 7.40 10.39 12.27
CA CYS A 226 8.61 10.33 11.46
C CYS A 226 8.34 10.37 9.98
N LEU A 227 7.07 10.40 9.56
CA LEU A 227 6.78 10.16 8.16
C LEU A 227 6.10 11.30 7.45
N TYR A 228 5.58 12.29 8.17
CA TYR A 228 5.23 13.59 7.62
C TYR A 228 4.26 13.50 6.43
N PRO A 229 3.04 13.01 6.66
CA PRO A 229 2.03 13.00 5.61
C PRO A 229 1.67 14.38 5.08
N TYR A 230 1.37 14.44 3.82
CA TYR A 230 0.85 15.64 3.21
C TYR A 230 -0.36 16.12 4.04
N PRO A 231 -0.66 17.41 4.03
CA PRO A 231 -1.93 17.84 4.64
C PRO A 231 -3.10 17.08 4.05
N VAL A 232 -4.12 16.88 4.88
CA VAL A 232 -5.27 16.08 4.47
C VAL A 232 -5.89 16.61 3.19
N HIS A 233 -5.93 17.93 3.02
CA HIS A 233 -6.53 18.48 1.81
C HIS A 233 -5.61 18.47 0.62
N HIS A 234 -4.44 18.03 0.78
CA HIS A 234 -3.52 18.03 -0.32
C HIS A 234 -3.80 16.83 -1.24
N PRO A 235 -3.66 16.99 -2.56
CA PRO A 235 -3.92 15.84 -3.49
C PRO A 235 -3.15 14.57 -3.15
N CYS A 236 -2.02 14.68 -2.46
CA CYS A 236 -1.28 13.52 -2.04
C CYS A 236 -1.55 13.14 -0.60
N ASP A 237 -2.67 13.61 -0.06
CA ASP A 237 -3.19 13.16 1.22
C ASP A 237 -2.88 11.67 1.46
N ARG A 238 -2.25 11.35 2.58
CA ARG A 238 -2.03 10.02 3.10
C ARG A 238 -0.67 9.46 2.65
N GLN A 239 0.05 10.17 1.81
CA GLN A 239 1.40 9.81 1.46
C GLN A 239 2.42 10.62 2.26
N SER A 240 3.55 9.99 2.52
CA SER A 240 4.72 10.65 3.09
C SER A 240 5.30 11.70 2.17
N GLN A 241 5.60 12.85 2.74
CA GLN A 241 6.36 13.88 2.01
C GLN A 241 7.84 13.55 1.88
N VAL A 242 8.30 12.53 2.58
CA VAL A 242 9.72 12.24 2.56
C VAL A 242 10.04 11.47 1.29
N ASP A 243 10.98 11.98 0.54
CA ASP A 243 11.53 11.22 -0.58
C ASP A 243 12.51 10.18 -0.02
N PHE A 244 12.10 8.91 -0.05
CA PHE A 244 12.97 7.86 0.46
C PHE A 244 14.32 7.82 -0.28
N ASP A 245 14.38 8.27 -1.53
CA ASP A 245 15.63 8.25 -2.22
C ASP A 245 16.55 9.42 -1.84
N ASN A 246 16.02 10.50 -1.27
CA ASN A 246 16.84 11.62 -0.81
C ASN A 246 16.10 12.36 0.28
N PRO A 247 16.14 11.85 1.50
CA PRO A 247 15.34 12.43 2.57
C PRO A 247 15.91 13.76 3.02
N ASP A 248 15.05 14.76 3.07
CA ASP A 248 15.44 16.08 3.57
C ASP A 248 15.31 16.09 5.09
N TYR A 249 16.39 15.71 5.77
CA TYR A 249 16.38 15.67 7.23
C TYR A 249 16.21 17.03 7.88
N GLU A 250 16.46 18.12 7.17
CA GLU A 250 16.15 19.42 7.73
C GLU A 250 14.65 19.61 7.87
N ARG A 251 13.87 19.28 6.82
CA ARG A 251 12.42 19.42 6.89
C ARG A 251 11.78 18.33 7.73
N PHE A 252 12.35 17.14 7.71
CA PHE A 252 11.71 15.96 8.28
C PHE A 252 12.69 15.27 9.21
N PRO A 253 13.06 15.92 10.29
CA PRO A 253 14.11 15.34 11.14
C PRO A 253 13.77 13.98 11.74
N ASN A 254 12.52 13.75 12.15
CA ASN A 254 12.24 12.48 12.80
C ASN A 254 12.25 11.31 11.81
N PHE A 255 12.42 11.54 10.52
CA PHE A 255 12.62 10.41 9.64
C PHE A 255 13.90 9.65 9.98
N GLN A 256 14.79 10.24 10.77
CA GLN A 256 16.01 9.58 11.22
C GLN A 256 15.74 8.58 12.32
N ASN A 257 14.50 8.53 12.81
CA ASN A 257 14.12 7.58 13.84
C ASN A 257 13.19 6.47 13.30
N VAL A 258 12.97 6.40 11.98
CA VAL A 258 11.95 5.46 11.46
C VAL A 258 12.51 4.05 11.39
N VAL A 259 11.72 3.09 11.81
CA VAL A 259 12.10 1.68 11.67
C VAL A 259 10.99 0.92 10.95
N GLY A 260 11.36 0.19 9.89
CA GLY A 260 10.41 -0.47 9.01
C GLY A 260 10.31 -1.98 9.19
N TYR A 261 9.13 -2.51 8.91
CA TYR A 261 8.93 -3.94 8.78
C TYR A 261 8.89 -4.27 7.29
N GLU A 262 9.63 -5.29 6.89
CA GLU A 262 9.94 -5.51 5.50
C GLU A 262 9.75 -6.98 5.09
N THR A 263 9.41 -7.17 3.82
CA THR A 263 9.31 -8.53 3.31
C THR A 263 9.33 -8.51 1.80
N VAL A 264 9.65 -9.65 1.23
CA VAL A 264 9.44 -9.82 -0.19
C VAL A 264 8.33 -10.85 -0.36
N VAL A 265 7.36 -10.50 -1.19
CA VAL A 265 6.28 -11.42 -1.50
C VAL A 265 6.40 -11.88 -2.95
N GLY A 266 6.21 -13.18 -3.16
CA GLY A 266 6.20 -13.74 -4.48
C GLY A 266 4.88 -14.43 -4.80
N PRO A 267 4.78 -14.98 -6.01
CA PRO A 267 3.54 -15.69 -6.41
C PRO A 267 2.97 -16.60 -5.33
N GLY A 268 1.73 -16.31 -4.91
CA GLY A 268 1.05 -17.11 -3.92
C GLY A 268 1.15 -16.64 -2.47
N ASP A 269 1.91 -15.59 -2.20
CA ASP A 269 1.94 -15.03 -0.85
C ASP A 269 0.79 -14.04 -0.66
N VAL A 270 0.24 -14.02 0.55
CA VAL A 270 -0.67 -12.98 0.96
C VAL A 270 -0.08 -12.21 2.13
N LEU A 271 0.02 -10.89 1.97
CA LEU A 271 0.54 -10.00 2.99
C LEU A 271 -0.62 -9.25 3.60
N TYR A 272 -0.85 -9.45 4.88
CA TYR A 272 -1.82 -8.65 5.60
C TYR A 272 -1.20 -7.30 5.92
N ILE A 273 -1.64 -6.27 5.21
CA ILE A 273 -1.35 -4.86 5.46
C ILE A 273 -2.44 -4.27 6.35
N PRO A 274 -2.24 -4.20 7.67
CA PRO A 274 -3.28 -3.65 8.56
C PRO A 274 -3.62 -2.20 8.23
N MET A 275 -4.91 -1.88 8.37
CA MET A 275 -5.38 -0.50 8.24
C MET A 275 -4.48 0.47 8.99
N TYR A 276 -4.15 1.59 8.32
CA TYR A 276 -3.38 2.71 8.87
C TYR A 276 -1.87 2.48 8.83
N TRP A 277 -1.41 1.23 8.78
CA TRP A 277 0.02 0.98 8.55
C TRP A 277 0.51 1.57 7.23
N TRP A 278 1.60 2.33 7.34
CA TRP A 278 2.34 2.80 6.16
C TRP A 278 2.86 1.63 5.34
N HIS A 279 2.83 1.77 4.04
CA HIS A 279 3.52 0.80 3.20
C HIS A 279 4.18 1.46 2.00
N HIS A 280 5.39 1.00 1.73
CA HIS A 280 6.19 1.34 0.57
C HIS A 280 6.35 0.07 -0.26
N ILE A 281 6.09 0.12 -1.57
CA ILE A 281 6.02 -1.12 -2.38
C ILE A 281 6.82 -0.96 -3.66
N GLU A 282 7.82 -1.81 -3.85
CA GLU A 282 8.62 -1.73 -5.07
C GLU A 282 8.66 -3.08 -5.78
N SER A 283 8.45 -3.05 -7.09
CA SER A 283 8.61 -4.25 -7.92
C SER A 283 10.09 -4.42 -8.17
N LEU A 284 10.63 -5.60 -7.87
CA LEU A 284 12.09 -5.69 -7.80
C LEU A 284 12.76 -5.32 -9.13
N LEU A 285 13.96 -4.73 -9.00
CA LEU A 285 14.76 -4.39 -10.15
C LEU A 285 15.00 -5.61 -11.02
N ASN A 286 14.79 -5.43 -12.32
CA ASN A 286 15.03 -6.49 -13.28
C ASN A 286 14.34 -7.79 -12.86
N GLY A 287 13.14 -7.67 -12.30
CA GLY A 287 12.35 -8.81 -11.87
C GLY A 287 11.29 -9.20 -12.87
N GLY A 288 11.04 -8.31 -13.84
CA GLY A 288 9.98 -8.46 -14.80
C GLY A 288 8.74 -7.76 -14.32
N ILE A 289 7.62 -8.04 -15.00
CA ILE A 289 6.35 -7.43 -14.61
C ILE A 289 5.89 -8.09 -13.33
N THR A 290 5.12 -7.34 -12.54
CA THR A 290 4.57 -7.84 -11.30
C THR A 290 3.06 -7.83 -11.39
N ILE A 291 2.42 -8.72 -10.69
CA ILE A 291 0.96 -8.75 -10.69
C ILE A 291 0.50 -9.04 -9.28
N THR A 292 -0.37 -8.18 -8.81
CA THR A 292 -0.97 -8.31 -7.51
C THR A 292 -2.46 -8.09 -7.63
N VAL A 293 -3.20 -8.77 -6.79
CA VAL A 293 -4.59 -8.40 -6.53
C VAL A 293 -4.72 -8.17 -5.04
N ASN A 294 -5.27 -7.03 -4.65
CA ASN A 294 -5.54 -6.84 -3.24
C ASN A 294 -7.04 -7.00 -2.97
N PHE A 295 -7.35 -7.10 -1.68
CA PHE A 295 -8.73 -7.21 -1.19
C PHE A 295 -8.89 -6.14 -0.10
N TRP A 296 -9.65 -5.10 -0.39
CA TRP A 296 -9.85 -4.03 0.57
C TRP A 296 -11.19 -4.17 1.29
N TYR A 297 -11.12 -4.25 2.63
CA TYR A 297 -12.26 -4.32 3.54
C TYR A 297 -12.39 -3.05 4.37
N LYS A 298 -13.61 -2.54 4.51
CA LYS A 298 -13.85 -1.49 5.49
C LYS A 298 -13.52 -2.00 6.89
N GLY A 299 -12.88 -1.14 7.69
CA GLY A 299 -12.45 -1.56 9.00
C GLY A 299 -13.61 -1.76 9.96
N ALA A 300 -13.33 -2.46 11.04
CA ALA A 300 -14.30 -2.64 12.10
C ALA A 300 -14.87 -1.30 12.57
N PRO A 301 -16.09 -1.29 13.07
CA PRO A 301 -16.69 -0.05 13.53
C PRO A 301 -16.12 0.39 14.87
N THR A 302 -16.24 1.68 15.14
CA THR A 302 -15.76 2.22 16.39
C THR A 302 -16.43 1.53 17.59
N PRO A 303 -15.69 1.22 18.66
CA PRO A 303 -16.29 0.47 19.78
C PRO A 303 -17.23 1.30 20.65
N LYS A 304 -18.23 0.60 21.19
CA LYS A 304 -19.25 1.24 22.02
C LYS A 304 -18.60 2.02 23.15
N ARG A 305 -17.80 1.33 23.95
CA ARG A 305 -17.03 1.97 25.01
C ARG A 305 -15.59 2.12 24.51
N ILE A 306 -15.10 3.36 24.51
CA ILE A 306 -13.72 3.66 24.16
C ILE A 306 -12.83 3.33 25.35
N GLU A 307 -11.74 2.62 25.10
CA GLU A 307 -10.76 2.31 26.13
C GLU A 307 -9.58 3.25 25.96
N TYR A 308 -9.22 3.94 27.03
CA TYR A 308 -8.02 4.83 27.02
C TYR A 308 -6.80 4.13 27.61
N PRO A 309 -5.59 4.52 27.19
CA PRO A 309 -5.24 5.64 26.33
C PRO A 309 -5.46 5.20 24.92
N LEU A 310 -5.62 6.15 24.03
CA LEU A 310 -5.96 5.77 22.66
C LEU A 310 -4.80 5.02 22.00
N LYS A 311 -5.14 4.06 21.13
CA LYS A 311 -4.16 3.48 20.22
C LYS A 311 -3.70 4.53 19.20
N ALA A 312 -2.57 4.24 18.55
CA ALA A 312 -1.98 5.23 17.63
C ALA A 312 -2.93 5.52 16.47
N HIS A 313 -3.54 4.48 15.90
CA HIS A 313 -4.36 4.71 14.73
C HIS A 313 -5.56 5.59 15.07
N GLN A 314 -6.09 5.45 16.28
CA GLN A 314 -7.19 6.33 16.66
C GLN A 314 -6.75 7.79 16.66
N LYS A 315 -5.51 8.05 17.08
CA LYS A 315 -4.97 9.39 17.05
C LYS A 315 -4.79 9.90 15.62
N VAL A 316 -4.46 9.02 14.68
CA VAL A 316 -4.44 9.43 13.29
C VAL A 316 -5.85 9.79 12.82
N ALA A 317 -6.82 8.97 13.15
CA ALA A 317 -8.21 9.31 12.85
C ALA A 317 -8.57 10.68 13.39
N ILE A 318 -8.22 10.95 14.65
CA ILE A 318 -8.51 12.25 15.26
C ILE A 318 -7.86 13.38 14.48
N MET A 319 -6.56 13.27 14.24
CA MET A 319 -5.87 14.35 13.55
C MET A 319 -6.50 14.58 12.19
N ARG A 320 -6.79 13.50 11.47
CA ARG A 320 -7.42 13.66 10.17
C ARG A 320 -8.72 14.46 10.34
N ASN A 321 -9.53 14.07 11.34
CA ASN A 321 -10.80 14.74 11.53
C ASN A 321 -10.60 16.22 11.89
N ILE A 322 -9.60 16.53 12.70
CA ILE A 322 -9.37 17.94 13.03
C ILE A 322 -9.10 18.75 11.76
N GLU A 323 -8.27 18.21 10.85
CA GLU A 323 -7.95 18.99 9.65
C GLU A 323 -9.19 19.12 8.76
N LYS A 324 -9.97 18.04 8.62
CA LYS A 324 -11.21 18.12 7.85
C LYS A 324 -12.15 19.18 8.44
N MET A 325 -12.37 19.16 9.74
CA MET A 325 -13.32 20.13 10.31
C MET A 325 -12.81 21.56 10.19
N LEU A 326 -11.55 21.81 10.44
CA LEU A 326 -11.10 23.17 10.20
C LEU A 326 -11.24 23.55 8.74
N GLY A 327 -11.01 22.59 7.85
CA GLY A 327 -11.18 22.88 6.43
C GLY A 327 -12.55 23.39 6.12
N GLU A 328 -13.59 22.64 6.54
CA GLU A 328 -14.96 23.07 6.30
C GLU A 328 -15.26 24.35 7.06
N ALA A 329 -14.90 24.38 8.34
CA ALA A 329 -15.32 25.49 9.19
C ALA A 329 -14.73 26.82 8.75
N LEU A 330 -13.51 26.82 8.18
CA LEU A 330 -12.92 28.09 7.77
C LEU A 330 -13.37 28.55 6.40
N GLY A 331 -14.11 27.73 5.65
CA GLY A 331 -14.47 28.05 4.30
C GLY A 331 -13.37 27.82 3.28
N ASN A 332 -12.22 27.29 3.70
CA ASN A 332 -11.14 27.16 2.76
C ASN A 332 -10.05 26.27 3.33
N PRO A 333 -9.77 25.15 2.69
CA PRO A 333 -8.60 24.35 3.09
C PRO A 333 -7.36 25.19 3.33
N GLN A 334 -7.18 26.28 2.61
CA GLN A 334 -5.86 26.89 2.65
C GLN A 334 -5.61 27.69 3.91
N GLU A 335 -6.61 27.90 4.75
CA GLU A 335 -6.40 28.55 6.03
C GLU A 335 -6.12 27.58 7.15
N VAL A 336 -6.13 26.27 6.88
CA VAL A 336 -5.94 25.33 7.96
C VAL A 336 -4.54 25.45 8.57
N GLY A 337 -3.51 25.49 7.74
CA GLY A 337 -2.18 25.58 8.28
C GLY A 337 -1.97 26.86 9.11
N PRO A 338 -2.41 27.99 8.57
CA PRO A 338 -2.26 29.25 9.31
C PRO A 338 -2.97 29.23 10.65
N LEU A 339 -4.19 28.74 10.70
CA LEU A 339 -4.87 28.68 11.97
C LEU A 339 -4.12 27.76 12.90
N LEU A 340 -3.63 26.65 12.37
CA LEU A 340 -2.97 25.68 13.23
C LEU A 340 -1.68 26.22 13.82
N ASN A 341 -0.96 27.08 13.10
CA ASN A 341 0.28 27.61 13.66
C ASN A 341 0.01 28.65 14.74
N THR A 342 -0.91 29.59 14.44
CA THR A 342 -1.43 30.57 15.39
C THR A 342 -1.72 29.84 16.71
N MET A 343 -2.30 28.64 16.58
CA MET A 343 -2.76 27.89 17.74
C MET A 343 -1.59 27.34 18.57
N ILE A 344 -0.47 26.96 17.96
CA ILE A 344 0.60 26.36 18.75
C ILE A 344 1.79 27.27 18.93
N LYS A 345 2.08 28.20 18.01
CA LYS A 345 3.34 28.94 18.16
C LYS A 345 3.36 29.63 19.52
N GLY A 346 4.28 29.20 20.37
CA GLY A 346 4.45 29.89 21.64
C GLY A 346 3.40 29.53 22.67
N ARG A 347 2.60 28.51 22.41
CA ARG A 347 1.56 28.03 23.29
C ARG A 347 1.70 26.54 23.57
N TYR A 348 2.02 25.78 22.54
CA TYR A 348 2.45 24.41 22.78
C TYR A 348 3.84 24.13 22.20
N ASN A 349 4.63 25.18 21.97
CA ASN A 349 5.98 25.19 21.38
C ASN A 349 5.84 24.74 19.94
N GLU B 1 -20.40 11.79 22.89
CA GLU B 1 -20.60 12.04 21.48
C GLU B 1 -19.35 12.66 20.86
N VAL B 2 -18.69 13.61 21.55
CA VAL B 2 -17.57 14.36 20.95
C VAL B 2 -16.45 13.42 20.48
N VAL B 3 -15.93 12.65 21.42
CA VAL B 3 -14.92 11.63 21.20
C VAL B 3 -15.25 10.80 19.97
N LYS B 4 -16.43 10.17 19.95
CA LYS B 4 -16.78 9.32 18.83
C LYS B 4 -16.85 10.14 17.54
N LEU B 5 -17.21 11.42 17.62
CA LEU B 5 -17.15 12.21 16.39
C LEU B 5 -15.75 12.18 15.80
N LEU B 6 -14.74 12.51 16.62
CA LEU B 6 -13.38 12.59 16.12
C LEU B 6 -12.77 11.23 15.87
N LEU B 7 -13.40 10.15 16.29
CA LEU B 7 -12.83 8.85 16.01
C LEU B 7 -13.37 8.22 14.74
N GLU B 8 -14.42 8.76 14.14
CA GLU B 8 -14.88 8.19 12.89
C GLU B 8 -13.86 8.41 11.80
N HIS B 9 -13.71 7.42 10.95
CA HIS B 9 -12.68 7.40 9.92
C HIS B 9 -13.34 7.23 8.57
N GLY B 10 -12.76 7.90 7.57
CA GLY B 10 -13.17 7.67 6.20
C GLY B 10 -12.66 6.33 5.73
N ALA B 11 -12.80 6.10 4.43
CA ALA B 11 -12.41 4.81 3.83
C ALA B 11 -11.64 5.03 2.53
N ASP B 12 -10.74 6.02 2.52
CA ASP B 12 -10.02 6.42 1.31
C ASP B 12 -8.87 5.45 1.01
N VAL B 13 -8.79 5.01 -0.25
CA VAL B 13 -7.79 4.04 -0.69
C VAL B 13 -7.14 4.40 -2.02
CB KJW B 14 -3.52 3.82 -2.81
CA KJW B 14 -4.98 4.25 -3.24
CG KJW B 14 -2.62 3.01 -3.76
CD2 KJW B 14 -1.27 3.73 -3.80
CD1 KJW B 14 -3.22 2.72 -5.14
OE KJW B 14 -3.51 2.91 -1.73
C KJW B 14 -5.14 5.69 -3.79
O KJW B 14 -4.70 6.69 -3.16
N KJW B 14 -5.83 4.16 -2.06
H2 KJW B 14 -6.47 3.55 -2.19
HB3 KJW B 14 -3.03 4.60 -2.50
HA KJW B 14 -5.30 3.63 -3.90
HG KJW B 14 -2.47 2.16 -3.33
HD23 KJW B 14 -1.39 4.61 -4.18
HD21 KJW B 14 -0.65 3.22 -4.35
HD22 KJW B 14 -0.91 3.80 -2.90
HD12 KJW B 14 -3.33 3.54 -5.62
HD13 KJW B 14 -4.08 2.28 -5.03
HD11 KJW B 14 -2.61 2.13 -5.63
HE KJW B 14 -3.92 2.20 -1.94
H KJW B 14 -5.36 3.92 -1.37
N ALA B 15 -5.81 5.79 -4.94
CA ALA B 15 -6.14 7.08 -5.53
C ALA B 15 -7.67 7.23 -5.61
ZN ZN C . -1.88 1.07 -0.36
C1 OGA D . -2.13 -1.31 -1.85
C2 OGA D . -0.99 -0.53 -2.47
C4 OGA D . 0.54 -0.46 -4.44
C5 OGA D . 1.41 -1.50 -5.08
O1 OGA D . -2.22 -2.47 -2.21
O2 OGA D . -2.93 -0.91 -0.99
O2' OGA D . -0.47 0.43 -1.99
O3 OGA D . 2.34 -1.07 -5.80
N1 OGA D . -0.56 -1.10 -3.72
O4 OGA D . 1.23 -2.73 -4.91
H4C1 OGA D . 0.18 0.13 -5.11
H4C2 OGA D . 1.06 0.06 -3.81
H1 OGA D . -0.95 -1.79 -4.04
S SO4 E . 11.15 6.88 -23.56
O1 SO4 E . 10.13 6.06 -22.90
O2 SO4 E . 12.31 7.00 -22.69
O3 SO4 E . 11.54 6.23 -24.79
O4 SO4 E . 10.61 8.20 -23.87
S SO4 F . -0.62 1.15 18.75
O1 SO4 F . 0.54 0.66 18.01
O2 SO4 F . -1.02 0.15 19.73
O3 SO4 F . -0.26 2.35 19.49
O4 SO4 F . -1.71 1.36 17.78
S SO4 G . 14.86 4.57 -12.46
O1 SO4 G . 15.04 3.41 -11.58
O2 SO4 G . 15.80 4.46 -13.54
O3 SO4 G . 15.06 5.79 -11.71
O4 SO4 G . 13.53 4.66 -13.04
#